data_6TW0
#
_entry.id   6TW0
#
_cell.length_a   54.451
_cell.length_b   98.343
_cell.length_c   233.750
_cell.angle_alpha   90.000
_cell.angle_beta   90.000
_cell.angle_gamma   90.000
#
_symmetry.space_group_name_H-M   'C 2 2 21'
#
loop_
_entity.id
_entity.type
_entity.pdbx_description
1 polymer "5'-nucleotidase"
2 non-polymer 'ZINC ION'
3 non-polymer '[[(2~{R},3~{S},4~{R},5~{R})-5-(6-azanyl-2-oxidanylidene-3~{H}-purin-9-yl)-3,4-bis(oxidanyl)oxolan-2-yl]methoxy-oxidanyl-phosphoryl]methylphosphonic acid'
4 water water
#
_entity_poly.entity_id   1
_entity_poly.type   'polypeptide(L)'
_entity_poly.pdbx_seq_one_letter_code
;MWELTILHTNDVHSRLEQTSEDSSKCVDASRCMGGVARLFTKVQQIRRAEPNVLLLDAGDQYQGTIWFTVYKGAEVAHFM
NALRYDAMALGNHEFDNGVEGLIEPLLKEAKFPILSANIKAKGPLASQISGLYLPYKVLPVGDEVVGIVGYTSKETPFLS
NPGTNLVFEDEITALQPEVDKLKTLNVNKIIALGHSGFEMDKLIAQKVRGVDVVVGGHSNTFLYTGNPPSKEVPAGKYPF
IVTSDDGRKVPVVQAYAFGKYLGYLKIEFDERGNVISSHGNPILLDSSIPEDPSIKADINKWRIKLDDYSTQELGKTIVY
LDGSSQSCRFRECNMGNLICDAMINNNLRHADEMFWNHVSMCILNGGGIRSPIDERNDGTITWENLAAVLPFGGTFDLVQ
LKGSTLKKAFEHSVHRYGQSTGEFLQVGGIHVVYDLSRKPGDRVVKLDVLCTKCRVPSYDPLKMDEVYKVILPNFLANGG
DGFQMIKDELLRHDSGDQDINVVSTYISKMKVIYPAVEGRIKFSLEHHHHHH
;
_entity_poly.pdbx_strand_id   A
#
loop_
_chem_comp.id
_chem_comp.type
_chem_comp.name
_chem_comp.formula
NYZ non-polymer '[[(2~{R},3~{S},4~{R},5~{R})-5-(6-azanyl-2-oxidanylidene-3~{H}-purin-9-yl)-3,4-bis(oxidanyl)oxolan-2-yl]methoxy-oxidanyl-phosphoryl]methylphosphonic acid' 'C11 H17 N5 O10 P2'
ZN non-polymer 'ZINC ION' 'Zn 2'
#
# COMPACT_ATOMS: atom_id res chain seq x y z
N MET A 1 -20.96 23.40 -22.50
CA MET A 1 -20.42 22.56 -21.42
C MET A 1 -20.18 21.14 -21.95
N TRP A 2 -19.03 20.55 -21.57
CA TRP A 2 -18.68 19.18 -21.94
C TRP A 2 -18.39 18.46 -20.63
N GLU A 3 -19.19 17.45 -20.29
CA GLU A 3 -19.01 16.73 -19.03
C GLU A 3 -18.20 15.44 -19.21
N LEU A 4 -17.23 15.21 -18.31
CA LEU A 4 -16.40 14.01 -18.28
C LEU A 4 -16.56 13.34 -16.92
N THR A 5 -16.78 12.03 -16.90
CA THR A 5 -16.83 11.22 -15.68
C THR A 5 -15.52 10.44 -15.57
N ILE A 6 -14.75 10.68 -14.50
CA ILE A 6 -13.52 9.96 -14.24
C ILE A 6 -13.82 8.91 -13.19
N LEU A 7 -13.60 7.65 -13.55
CA LEU A 7 -13.73 6.53 -12.65
C LEU A 7 -12.33 6.14 -12.32
N HIS A 8 -12.01 5.92 -11.04
CA HIS A 8 -10.63 5.61 -10.71
C HIS A 8 -10.43 4.69 -9.54
N THR A 9 -9.36 3.89 -9.64
CA THR A 9 -8.90 2.96 -8.59
C THR A 9 -7.41 3.19 -8.31
N ASN A 10 -6.94 2.77 -7.15
CA ASN A 10 -5.52 2.89 -6.79
C ASN A 10 -5.24 1.94 -5.68
N ASP A 11 -4.00 1.47 -5.62
CA ASP A 11 -3.56 0.57 -4.56
C ASP A 11 -4.50 -0.65 -4.37
N VAL A 12 -4.97 -1.22 -5.49
CA VAL A 12 -5.85 -2.40 -5.49
C VAL A 12 -5.14 -3.57 -4.81
N HIS A 13 -3.83 -3.73 -5.04
CA HIS A 13 -2.99 -4.70 -4.35
C HIS A 13 -3.57 -6.15 -4.37
N SER A 14 -3.82 -6.64 -5.60
CA SER A 14 -4.24 -8.03 -5.87
C SER A 14 -5.53 -8.48 -5.22
N ARG A 15 -6.44 -7.56 -4.87
CA ARG A 15 -7.74 -7.91 -4.31
C ARG A 15 -8.68 -8.15 -5.51
N LEU A 16 -8.41 -9.22 -6.28
CA LEU A 16 -9.20 -9.56 -7.46
C LEU A 16 -10.57 -10.07 -7.07
N GLU A 17 -10.62 -10.86 -6.01
CA GLU A 17 -11.88 -11.37 -5.50
C GLU A 17 -12.43 -10.39 -4.49
N GLN A 18 -13.74 -10.47 -4.25
CA GLN A 18 -14.39 -9.68 -3.21
C GLN A 18 -13.76 -10.07 -1.88
N THR A 19 -13.78 -9.14 -0.94
CA THR A 19 -13.10 -9.31 0.34
C THR A 19 -14.05 -9.02 1.46
N SER A 20 -13.57 -9.23 2.68
CA SER A 20 -14.30 -8.85 3.87
C SER A 20 -14.16 -7.32 3.93
N GLU A 21 -14.97 -6.64 4.74
CA GLU A 21 -14.90 -5.19 4.94
C GLU A 21 -13.46 -4.71 5.26
N ASP A 22 -12.64 -5.52 5.96
CA ASP A 22 -11.24 -5.14 6.29
C ASP A 22 -10.21 -5.47 5.17
N SER A 23 -10.68 -5.86 3.98
CA SER A 23 -9.90 -6.21 2.81
C SER A 23 -9.16 -7.57 2.92
N SER A 24 -9.42 -8.37 3.97
CA SER A 24 -8.89 -9.72 4.07
C SER A 24 -9.85 -10.69 3.33
N LYS A 25 -9.55 -11.98 3.32
CA LYS A 25 -10.32 -13.01 2.61
C LYS A 25 -11.82 -12.96 2.86
N CYS A 26 -12.62 -13.11 1.81
CA CYS A 26 -14.08 -13.15 1.95
C CYS A 26 -14.50 -14.50 2.50
N VAL A 27 -15.17 -14.50 3.66
CA VAL A 27 -15.75 -15.72 4.23
C VAL A 27 -17.28 -15.63 4.15
N ASP A 28 -17.87 -14.59 4.78
CA ASP A 28 -19.32 -14.34 4.78
C ASP A 28 -19.69 -13.54 3.50
N ALA A 29 -19.88 -14.26 2.38
CA ALA A 29 -20.21 -13.68 1.06
C ALA A 29 -21.32 -12.64 1.06
N SER A 30 -22.37 -12.85 1.87
CA SER A 30 -23.51 -11.93 2.05
C SER A 30 -23.12 -10.46 2.32
N ARG A 31 -22.01 -10.24 3.05
CA ARG A 31 -21.54 -8.89 3.43
C ARG A 31 -20.17 -8.53 2.83
N CYS A 32 -19.68 -9.25 1.81
CA CYS A 32 -18.38 -8.95 1.19
C CYS A 32 -18.47 -7.74 0.22
N MET A 33 -17.30 -7.21 -0.12
CA MET A 33 -17.15 -5.96 -0.88
C MET A 33 -16.01 -6.06 -1.88
N GLY A 34 -15.98 -5.12 -2.81
CA GLY A 34 -14.91 -5.00 -3.79
C GLY A 34 -14.83 -6.16 -4.77
N GLY A 35 -13.62 -6.39 -5.26
CA GLY A 35 -13.38 -7.42 -6.26
C GLY A 35 -13.67 -6.88 -7.64
N VAL A 36 -13.05 -7.48 -8.66
CA VAL A 36 -13.18 -6.97 -10.02
C VAL A 36 -14.57 -7.28 -10.66
N ALA A 37 -15.31 -8.33 -10.22
CA ALA A 37 -16.63 -8.63 -10.78
C ALA A 37 -17.64 -7.57 -10.38
N ARG A 38 -17.60 -7.11 -9.12
CA ARG A 38 -18.50 -6.08 -8.60
C ARG A 38 -18.16 -4.74 -9.22
N LEU A 39 -16.86 -4.42 -9.32
CA LEU A 39 -16.37 -3.19 -9.95
C LEU A 39 -16.89 -3.11 -11.39
N PHE A 40 -16.81 -4.25 -12.13
CA PHE A 40 -17.31 -4.31 -13.52
C PHE A 40 -18.76 -3.87 -13.62
N THR A 41 -19.61 -4.42 -12.75
CA THR A 41 -21.04 -4.10 -12.74
C THR A 41 -21.22 -2.60 -12.57
N LYS A 42 -20.53 -2.00 -11.57
CA LYS A 42 -20.67 -0.56 -11.38
C LYS A 42 -20.15 0.25 -12.55
N VAL A 43 -18.98 -0.13 -13.10
CA VAL A 43 -18.41 0.61 -14.23
C VAL A 43 -19.37 0.55 -15.45
N GLN A 44 -19.91 -0.64 -15.73
CA GLN A 44 -20.85 -0.80 -16.84
C GLN A 44 -22.09 0.05 -16.65
N GLN A 45 -22.64 0.09 -15.43
CA GLN A 45 -23.80 0.91 -15.08
C GLN A 45 -23.53 2.40 -15.41
N ILE A 46 -22.32 2.88 -15.08
CA ILE A 46 -21.95 4.28 -15.35
C ILE A 46 -21.75 4.52 -16.83
N ARG A 47 -21.05 3.59 -17.54
CA ARG A 47 -20.85 3.69 -18.99
C ARG A 47 -22.17 3.72 -19.76
N ARG A 48 -23.20 3.00 -19.27
CA ARG A 48 -24.51 3.00 -19.91
C ARG A 48 -25.18 4.36 -19.81
N ALA A 49 -24.97 5.08 -18.69
CA ALA A 49 -25.63 6.34 -18.37
C ALA A 49 -24.91 7.59 -18.83
N GLU A 50 -23.56 7.58 -18.83
CA GLU A 50 -22.74 8.74 -19.15
C GLU A 50 -21.98 8.52 -20.46
N PRO A 51 -22.06 9.45 -21.42
CA PRO A 51 -21.36 9.22 -22.69
C PRO A 51 -19.84 9.41 -22.66
N ASN A 52 -19.29 10.29 -21.80
CA ASN A 52 -17.84 10.57 -21.72
C ASN A 52 -17.28 10.04 -20.40
N VAL A 53 -16.76 8.80 -20.45
CA VAL A 53 -16.24 8.11 -19.27
C VAL A 53 -14.80 7.66 -19.50
N LEU A 54 -13.98 7.79 -18.45
CA LEU A 54 -12.60 7.31 -18.42
C LEU A 54 -12.45 6.50 -17.15
N LEU A 55 -11.93 5.27 -17.27
CA LEU A 55 -11.66 4.40 -16.14
C LEU A 55 -10.15 4.38 -16.02
N LEU A 56 -9.62 4.88 -14.88
CA LEU A 56 -8.18 5.00 -14.67
C LEU A 56 -7.69 4.29 -13.44
N ASP A 57 -6.43 3.86 -13.46
CA ASP A 57 -5.78 3.25 -12.29
C ASP A 57 -4.51 4.02 -11.97
N ALA A 58 -4.33 4.41 -10.69
CA ALA A 58 -3.16 5.19 -10.26
C ALA A 58 -2.03 4.35 -9.63
N GLY A 59 -1.90 3.08 -10.04
CA GLY A 59 -0.80 2.22 -9.65
C GLY A 59 -1.05 1.32 -8.46
N ASP A 60 -0.05 0.47 -8.21
CA ASP A 60 -0.02 -0.49 -7.12
C ASP A 60 -1.15 -1.53 -7.22
N GLN A 61 -1.32 -2.07 -8.43
CA GLN A 61 -2.18 -3.22 -8.70
C GLN A 61 -1.39 -4.44 -8.18
N TYR A 62 -0.06 -4.42 -8.41
CA TYR A 62 0.88 -5.46 -8.00
C TYR A 62 1.00 -5.58 -6.48
N GLN A 63 1.07 -6.84 -6.03
CA GLN A 63 1.39 -7.29 -4.67
C GLN A 63 0.24 -7.17 -3.66
N GLY A 64 0.01 -8.24 -2.91
CA GLY A 64 -0.97 -8.22 -1.82
C GLY A 64 -1.63 -9.54 -1.48
N THR A 65 -1.86 -10.42 -2.45
CA THR A 65 -2.52 -11.70 -2.21
C THR A 65 -1.84 -12.76 -3.01
N ILE A 66 -2.26 -14.02 -2.76
CA ILE A 66 -1.78 -15.22 -3.45
C ILE A 66 -2.01 -15.12 -4.97
N TRP A 67 -2.99 -14.29 -5.42
CA TRP A 67 -3.21 -14.04 -6.85
C TRP A 67 -1.93 -13.53 -7.51
N PHE A 68 -1.21 -12.60 -6.85
CA PHE A 68 0.03 -12.06 -7.40
C PHE A 68 1.21 -12.99 -7.15
N THR A 69 1.26 -13.67 -6.01
CA THR A 69 2.36 -14.61 -5.77
C THR A 69 2.39 -15.70 -6.86
N VAL A 70 1.21 -16.14 -7.31
CA VAL A 70 1.04 -17.19 -8.32
C VAL A 70 1.02 -16.68 -9.77
N TYR A 71 0.22 -15.65 -10.10
CA TYR A 71 0.12 -15.14 -11.48
C TYR A 71 1.13 -14.02 -11.83
N LYS A 72 1.75 -13.38 -10.82
CA LYS A 72 2.82 -12.38 -10.98
C LYS A 72 2.51 -11.22 -11.95
N GLY A 73 1.26 -10.78 -12.03
CA GLY A 73 0.85 -9.68 -12.90
C GLY A 73 0.02 -10.09 -14.11
N ALA A 74 -0.05 -11.40 -14.43
CA ALA A 74 -0.86 -11.86 -15.57
C ALA A 74 -2.36 -11.66 -15.28
N GLU A 75 -2.74 -11.81 -13.99
CA GLU A 75 -4.10 -11.58 -13.52
C GLU A 75 -4.47 -10.08 -13.62
N VAL A 76 -3.48 -9.19 -13.42
CA VAL A 76 -3.68 -7.74 -13.52
C VAL A 76 -4.00 -7.36 -14.96
N ALA A 77 -3.10 -7.68 -15.89
CA ALA A 77 -3.31 -7.42 -17.32
C ALA A 77 -4.62 -8.05 -17.79
N HIS A 78 -4.87 -9.32 -17.43
CA HIS A 78 -6.10 -10.01 -17.86
C HIS A 78 -7.36 -9.33 -17.38
N PHE A 79 -7.49 -9.14 -16.06
CA PHE A 79 -8.71 -8.57 -15.51
C PHE A 79 -8.82 -7.06 -15.75
N MET A 80 -7.70 -6.31 -15.85
CA MET A 80 -7.80 -4.87 -16.17
C MET A 80 -8.28 -4.71 -17.62
N ASN A 81 -7.84 -5.63 -18.50
CA ASN A 81 -8.30 -5.70 -19.88
C ASN A 81 -9.78 -6.07 -19.94
N ALA A 82 -10.23 -7.04 -19.14
CA ALA A 82 -11.65 -7.43 -19.09
C ALA A 82 -12.54 -6.26 -18.62
N LEU A 83 -12.03 -5.41 -17.68
CA LEU A 83 -12.77 -4.25 -17.17
C LEU A 83 -12.66 -3.03 -18.10
N ARG A 84 -11.77 -3.11 -19.11
CA ARG A 84 -11.52 -2.11 -20.14
C ARG A 84 -11.09 -0.76 -19.55
N TYR A 85 -10.01 -0.82 -18.74
CA TYR A 85 -9.39 0.39 -18.19
C TYR A 85 -8.92 1.22 -19.36
N ASP A 86 -9.05 2.54 -19.27
CA ASP A 86 -8.60 3.46 -20.32
C ASP A 86 -7.10 3.80 -20.19
N ALA A 87 -6.56 3.79 -18.98
CA ALA A 87 -5.13 4.04 -18.72
C ALA A 87 -4.72 3.69 -17.30
N MET A 88 -3.43 3.51 -17.09
CA MET A 88 -2.88 3.23 -15.76
C MET A 88 -1.55 3.93 -15.58
N ALA A 89 -1.27 4.43 -14.37
CA ALA A 89 0.05 4.99 -14.05
C ALA A 89 0.83 3.92 -13.28
N LEU A 90 2.14 3.91 -13.46
CA LEU A 90 3.01 2.96 -12.75
C LEU A 90 3.17 3.37 -11.30
N GLY A 91 3.01 2.40 -10.41
CA GLY A 91 3.23 2.57 -8.99
C GLY A 91 4.52 1.89 -8.59
N ASN A 92 4.98 2.13 -7.36
CA ASN A 92 6.22 1.53 -6.88
C ASN A 92 6.15 -0.01 -6.86
N HIS A 93 4.99 -0.59 -6.47
CA HIS A 93 4.88 -2.05 -6.37
C HIS A 93 4.90 -2.75 -7.73
N GLU A 94 4.67 -2.02 -8.84
CA GLU A 94 4.83 -2.60 -10.18
C GLU A 94 6.31 -3.00 -10.48
N PHE A 95 7.29 -2.50 -9.67
CA PHE A 95 8.72 -2.80 -9.81
C PHE A 95 9.27 -3.84 -8.79
N ASP A 96 8.41 -4.49 -7.97
CA ASP A 96 8.90 -5.44 -6.96
C ASP A 96 9.56 -6.70 -7.55
N ASN A 97 9.09 -7.18 -8.72
CA ASN A 97 9.67 -8.35 -9.40
C ASN A 97 10.62 -7.91 -10.52
N GLY A 98 11.30 -6.78 -10.32
CA GLY A 98 12.24 -6.23 -11.29
C GLY A 98 11.54 -5.61 -12.48
N VAL A 99 12.34 -5.06 -13.41
CA VAL A 99 11.81 -4.50 -14.66
C VAL A 99 11.26 -5.66 -15.51
N GLU A 100 11.88 -6.85 -15.41
CA GLU A 100 11.43 -8.03 -16.16
C GLU A 100 10.03 -8.48 -15.71
N GLY A 101 9.76 -8.38 -14.41
CA GLY A 101 8.46 -8.71 -13.84
C GLY A 101 7.35 -7.73 -14.17
N LEU A 102 7.69 -6.59 -14.79
CA LEU A 102 6.74 -5.56 -15.24
C LEU A 102 6.51 -5.71 -16.76
N ILE A 103 7.60 -5.86 -17.54
CA ILE A 103 7.56 -6.00 -19.00
C ILE A 103 6.70 -7.19 -19.46
N GLU A 104 7.08 -8.40 -19.07
CA GLU A 104 6.45 -9.61 -19.58
C GLU A 104 5.02 -9.83 -19.12
N PRO A 105 4.70 -9.84 -17.80
CA PRO A 105 3.29 -10.04 -17.41
C PRO A 105 2.36 -8.89 -17.79
N LEU A 106 2.75 -7.63 -17.52
CA LEU A 106 1.86 -6.49 -17.72
C LEU A 106 2.06 -5.65 -18.98
N LEU A 107 3.24 -5.01 -19.18
CA LEU A 107 3.41 -4.08 -20.29
C LEU A 107 3.13 -4.65 -21.68
N LYS A 108 3.54 -5.90 -21.92
CA LYS A 108 3.30 -6.55 -23.21
C LYS A 108 1.85 -7.04 -23.38
N GLU A 109 1.10 -7.29 -22.28
CA GLU A 109 -0.26 -7.81 -22.34
C GLU A 109 -1.37 -6.77 -22.09
N ALA A 110 -1.02 -5.56 -21.63
CA ALA A 110 -2.00 -4.52 -21.38
C ALA A 110 -2.54 -3.96 -22.69
N LYS A 111 -3.88 -3.85 -22.80
CA LYS A 111 -4.55 -3.31 -23.98
C LYS A 111 -4.77 -1.79 -23.83
N PHE A 112 -4.32 -1.21 -22.72
CA PHE A 112 -4.48 0.21 -22.42
C PHE A 112 -3.09 0.80 -22.22
N PRO A 113 -2.94 2.12 -22.43
CA PRO A 113 -1.63 2.76 -22.20
C PRO A 113 -1.22 2.74 -20.72
N ILE A 114 0.09 2.52 -20.48
CA ILE A 114 0.67 2.51 -19.13
C ILE A 114 1.62 3.69 -19.09
N LEU A 115 1.46 4.55 -18.09
CA LEU A 115 2.10 5.85 -18.05
C LEU A 115 3.03 6.19 -16.88
N SER A 116 4.07 6.97 -17.17
CA SER A 116 5.00 7.57 -16.22
C SER A 116 5.93 8.53 -16.97
N ALA A 117 5.77 9.84 -16.72
CA ALA A 117 6.56 10.90 -17.35
C ALA A 117 7.91 11.14 -16.65
N ASN A 118 8.06 10.71 -15.37
CA ASN A 118 9.29 10.95 -14.62
C ASN A 118 10.21 9.71 -14.49
N ILE A 119 9.98 8.65 -15.28
CA ILE A 119 10.87 7.48 -15.31
C ILE A 119 11.61 7.57 -16.64
N LYS A 120 12.95 7.72 -16.61
CA LYS A 120 13.79 7.79 -17.81
C LYS A 120 14.73 6.61 -17.75
N ALA A 121 14.71 5.77 -18.79
CA ALA A 121 15.58 4.59 -18.84
C ALA A 121 16.92 4.95 -19.49
N LYS A 122 18.05 4.45 -18.92
CA LYS A 122 19.41 4.73 -19.42
C LYS A 122 20.18 3.42 -19.61
N SER A 127 16.02 1.42 -26.74
CA SER A 127 16.22 0.30 -25.82
C SER A 127 15.06 -0.71 -25.93
N GLN A 128 15.04 -1.70 -25.02
CA GLN A 128 13.99 -2.72 -24.96
C GLN A 128 12.67 -2.14 -24.42
N ILE A 129 12.73 -1.45 -23.27
CA ILE A 129 11.55 -0.88 -22.60
C ILE A 129 10.87 0.27 -23.40
N SER A 130 11.61 0.94 -24.32
CA SER A 130 11.07 2.03 -25.15
C SER A 130 9.67 1.73 -25.71
N GLY A 131 8.75 2.65 -25.48
CA GLY A 131 7.38 2.56 -25.98
C GLY A 131 6.41 1.62 -25.27
N LEU A 132 6.89 0.76 -24.34
CA LEU A 132 6.02 -0.18 -23.62
C LEU A 132 5.27 0.53 -22.49
N TYR A 133 5.80 1.68 -22.05
CA TYR A 133 5.14 2.65 -21.17
C TYR A 133 5.35 4.00 -21.88
N LEU A 134 4.48 4.98 -21.60
CA LEU A 134 4.53 6.29 -22.24
C LEU A 134 4.52 7.42 -21.23
N PRO A 135 5.07 8.60 -21.56
CA PRO A 135 4.96 9.73 -20.63
C PRO A 135 3.50 10.23 -20.52
N TYR A 136 2.75 10.17 -21.64
CA TYR A 136 1.35 10.57 -21.68
C TYR A 136 0.63 9.80 -22.78
N LYS A 137 -0.70 9.94 -22.84
CA LYS A 137 -1.52 9.45 -23.94
C LYS A 137 -2.62 10.47 -24.16
N VAL A 138 -2.93 10.78 -25.42
CA VAL A 138 -4.05 11.67 -25.77
C VAL A 138 -5.18 10.71 -26.15
N LEU A 139 -6.25 10.67 -25.35
CA LEU A 139 -7.34 9.74 -25.57
C LEU A 139 -8.55 10.41 -26.21
N PRO A 140 -9.11 9.85 -27.30
CA PRO A 140 -10.38 10.40 -27.81
C PRO A 140 -11.51 10.03 -26.85
N VAL A 141 -12.33 11.01 -26.47
CA VAL A 141 -13.49 10.81 -25.59
C VAL A 141 -14.59 11.54 -26.32
N GLY A 142 -15.40 10.76 -27.03
CA GLY A 142 -16.44 11.30 -27.89
C GLY A 142 -15.82 12.13 -28.99
N ASP A 143 -16.29 13.38 -29.11
CA ASP A 143 -15.77 14.32 -30.11
C ASP A 143 -14.59 15.17 -29.60
N GLU A 144 -14.14 14.94 -28.33
CA GLU A 144 -13.04 15.67 -27.72
C GLU A 144 -11.82 14.78 -27.53
N VAL A 145 -10.72 15.37 -27.04
CA VAL A 145 -9.53 14.63 -26.63
C VAL A 145 -9.20 15.02 -25.20
N VAL A 146 -8.71 14.05 -24.45
CA VAL A 146 -8.26 14.25 -23.08
C VAL A 146 -6.83 13.70 -22.99
N GLY A 147 -5.93 14.54 -22.51
CA GLY A 147 -4.54 14.15 -22.27
C GLY A 147 -4.35 13.65 -20.86
N ILE A 148 -3.71 12.50 -20.71
CA ILE A 148 -3.39 11.90 -19.41
C ILE A 148 -1.87 11.84 -19.33
N VAL A 149 -1.27 12.45 -18.28
CA VAL A 149 0.18 12.47 -18.03
C VAL A 149 0.41 11.66 -16.76
N GLY A 150 1.31 10.67 -16.83
CA GLY A 150 1.61 9.80 -15.71
C GLY A 150 2.76 10.24 -14.84
N TYR A 151 2.82 9.72 -13.61
CA TYR A 151 3.96 9.95 -12.70
C TYR A 151 4.04 8.84 -11.65
N THR A 152 5.24 8.59 -11.16
CA THR A 152 5.55 7.53 -10.21
C THR A 152 6.47 8.08 -9.13
N SER A 153 6.24 7.66 -7.87
CA SER A 153 7.01 8.09 -6.71
C SER A 153 8.47 8.11 -7.02
N LYS A 154 9.10 9.26 -6.75
CA LYS A 154 10.53 9.41 -6.94
C LYS A 154 11.31 8.58 -5.90
N GLU A 155 10.59 7.99 -4.91
CA GLU A 155 11.18 7.14 -3.89
C GLU A 155 11.21 5.65 -4.31
N THR A 156 10.70 5.29 -5.53
CA THR A 156 10.59 3.91 -6.01
C THR A 156 11.93 3.15 -5.97
N PRO A 157 13.09 3.77 -6.35
CA PRO A 157 14.38 3.06 -6.23
C PRO A 157 14.69 2.50 -4.84
N PHE A 158 14.26 3.20 -3.76
CA PHE A 158 14.48 2.78 -2.38
C PHE A 158 13.41 1.79 -1.93
N LEU A 159 12.15 2.02 -2.35
CA LEU A 159 11.00 1.20 -1.96
C LEU A 159 10.87 -0.13 -2.68
N SER A 160 11.34 -0.20 -3.93
CA SER A 160 11.16 -1.36 -4.78
C SER A 160 12.48 -1.82 -5.39
N ASN A 161 12.42 -2.62 -6.47
CA ASN A 161 13.59 -3.13 -7.15
C ASN A 161 13.56 -2.73 -8.65
N PRO A 162 13.53 -1.43 -8.99
CA PRO A 162 13.51 -1.06 -10.42
C PRO A 162 14.85 -1.21 -11.16
N GLY A 163 15.94 -1.52 -10.45
CA GLY A 163 17.25 -1.69 -11.07
C GLY A 163 17.99 -0.39 -11.31
N THR A 164 19.29 -0.50 -11.62
CA THR A 164 20.19 0.63 -11.85
C THR A 164 19.95 1.37 -13.21
N ASN A 165 19.23 0.75 -14.16
CA ASN A 165 19.00 1.32 -15.49
C ASN A 165 17.89 2.39 -15.52
N LEU A 166 16.90 2.32 -14.61
CA LEU A 166 15.82 3.30 -14.58
C LEU A 166 16.17 4.45 -13.66
N VAL A 167 15.92 5.68 -14.13
CA VAL A 167 16.15 6.91 -13.38
C VAL A 167 14.78 7.49 -13.03
N PHE A 168 14.58 7.87 -11.77
CA PHE A 168 13.32 8.46 -11.30
C PHE A 168 13.56 9.95 -11.01
N GLU A 169 12.95 10.82 -11.83
CA GLU A 169 13.08 12.27 -11.71
C GLU A 169 12.06 12.85 -10.76
N ASP A 170 12.28 14.11 -10.35
CA ASP A 170 11.32 14.85 -9.55
C ASP A 170 10.05 14.94 -10.40
N GLU A 171 8.91 14.58 -9.82
CA GLU A 171 7.64 14.53 -10.54
C GLU A 171 7.28 15.87 -11.20
N ILE A 172 7.35 16.99 -10.45
CA ILE A 172 6.98 18.31 -10.98
C ILE A 172 7.89 18.72 -12.14
N THR A 173 9.20 18.50 -12.01
CA THR A 173 10.20 18.79 -13.04
C THR A 173 9.94 18.00 -14.31
N ALA A 174 9.59 16.72 -14.17
CA ALA A 174 9.33 15.88 -15.34
C ALA A 174 7.96 16.12 -15.99
N LEU A 175 6.96 16.51 -15.20
CA LEU A 175 5.60 16.72 -15.70
C LEU A 175 5.40 17.98 -16.52
N GLN A 176 5.95 19.13 -16.08
CA GLN A 176 5.70 20.42 -16.75
C GLN A 176 6.01 20.39 -18.26
N PRO A 177 7.18 19.86 -18.69
CA PRO A 177 7.44 19.81 -20.14
C PRO A 177 6.46 18.94 -20.92
N GLU A 178 5.99 17.82 -20.32
CA GLU A 178 5.00 16.97 -21.00
C GLU A 178 3.65 17.68 -21.12
N VAL A 179 3.21 18.38 -20.04
CA VAL A 179 1.96 19.14 -20.02
C VAL A 179 2.05 20.29 -21.03
N ASP A 180 3.19 20.99 -21.06
CA ASP A 180 3.40 22.07 -22.02
C ASP A 180 3.34 21.54 -23.45
N LYS A 181 3.93 20.34 -23.72
CA LYS A 181 3.88 19.74 -25.06
C LYS A 181 2.42 19.42 -25.43
N LEU A 182 1.63 18.92 -24.46
CA LEU A 182 0.20 18.66 -24.69
C LEU A 182 -0.55 19.94 -25.04
N LYS A 183 -0.23 21.06 -24.34
CA LYS A 183 -0.85 22.36 -24.60
C LYS A 183 -0.49 22.91 -25.99
N THR A 184 0.76 22.65 -26.46
CA THR A 184 1.17 23.08 -27.81
C THR A 184 0.41 22.28 -28.86
N LEU A 185 0.00 21.03 -28.53
CA LEU A 185 -0.80 20.18 -29.41
C LEU A 185 -2.32 20.47 -29.28
N ASN A 186 -2.70 21.58 -28.64
CA ASN A 186 -4.08 22.00 -28.49
C ASN A 186 -4.89 21.02 -27.64
N VAL A 187 -4.23 20.29 -26.73
CA VAL A 187 -4.94 19.38 -25.81
C VAL A 187 -5.22 20.28 -24.60
N ASN A 188 -6.49 20.69 -24.45
CA ASN A 188 -6.89 21.65 -23.43
C ASN A 188 -7.51 21.03 -22.17
N LYS A 189 -7.67 19.70 -22.13
CA LYS A 189 -8.17 18.97 -20.98
C LYS A 189 -7.07 17.98 -20.59
N ILE A 190 -6.47 18.17 -19.41
CA ILE A 190 -5.32 17.40 -18.94
C ILE A 190 -5.54 16.85 -17.55
N ILE A 191 -5.38 15.53 -17.42
CA ILE A 191 -5.43 14.80 -16.16
C ILE A 191 -4.02 14.33 -15.81
N ALA A 192 -3.57 14.61 -14.59
CA ALA A 192 -2.32 14.05 -14.10
C ALA A 192 -2.73 12.80 -13.30
N LEU A 193 -2.25 11.63 -13.73
CA LEU A 193 -2.57 10.33 -13.14
C LEU A 193 -1.27 9.74 -12.60
N GLY A 194 -1.15 9.52 -11.31
CA GLY A 194 0.10 8.98 -10.83
C GLY A 194 0.11 8.47 -9.42
N HIS A 195 1.28 7.97 -9.05
CA HIS A 195 1.50 7.24 -7.83
C HIS A 195 2.62 7.78 -6.93
N SER A 196 2.34 8.90 -6.26
CA SER A 196 3.31 9.53 -5.34
C SER A 196 2.79 9.92 -3.94
N GLY A 197 1.48 9.78 -3.69
CA GLY A 197 0.91 10.16 -2.41
C GLY A 197 0.17 11.48 -2.48
N PHE A 198 -0.87 11.61 -1.67
CA PHE A 198 -1.72 12.80 -1.60
C PHE A 198 -0.93 14.12 -1.43
N GLU A 199 0.14 14.14 -0.63
CA GLU A 199 0.92 15.38 -0.45
C GLU A 199 1.58 15.85 -1.77
N MET A 200 2.24 14.93 -2.51
CA MET A 200 2.83 15.26 -3.82
C MET A 200 1.71 15.62 -4.82
N ASP A 201 0.55 14.93 -4.75
CA ASP A 201 -0.59 15.18 -5.64
C ASP A 201 -1.06 16.66 -5.50
N LYS A 202 -1.15 17.15 -4.27
CA LYS A 202 -1.54 18.54 -4.01
C LYS A 202 -0.49 19.50 -4.55
N LEU A 203 0.79 19.15 -4.46
CA LEU A 203 1.88 19.98 -4.99
C LEU A 203 1.83 20.02 -6.51
N ILE A 204 1.57 18.86 -7.15
CA ILE A 204 1.42 18.79 -8.61
C ILE A 204 0.28 19.73 -9.04
N ALA A 205 -0.87 19.62 -8.36
CA ALA A 205 -2.02 20.47 -8.62
C ALA A 205 -1.68 21.95 -8.47
N GLN A 206 -0.90 22.32 -7.43
CA GLN A 206 -0.56 23.71 -7.22
C GLN A 206 0.46 24.25 -8.25
N LYS A 207 1.47 23.44 -8.56
CA LYS A 207 2.64 23.87 -9.31
C LYS A 207 2.70 23.57 -10.80
N VAL A 208 2.09 22.47 -11.28
CA VAL A 208 2.17 22.10 -12.70
C VAL A 208 1.12 22.85 -13.49
N ARG A 209 1.55 23.89 -14.21
CA ARG A 209 0.66 24.73 -15.00
C ARG A 209 0.02 23.89 -16.13
N GLY A 210 -1.30 23.94 -16.23
CA GLY A 210 -2.06 23.22 -17.24
C GLY A 210 -2.77 21.96 -16.78
N VAL A 211 -2.48 21.45 -15.57
CA VAL A 211 -3.12 20.25 -15.05
C VAL A 211 -4.52 20.65 -14.58
N ASP A 212 -5.56 20.01 -15.10
CA ASP A 212 -6.95 20.32 -14.71
C ASP A 212 -7.41 19.51 -13.52
N VAL A 213 -6.91 18.28 -13.35
CA VAL A 213 -7.32 17.41 -12.26
C VAL A 213 -6.18 16.45 -11.97
N VAL A 214 -6.05 16.04 -10.71
CA VAL A 214 -5.02 15.10 -10.29
C VAL A 214 -5.71 13.86 -9.71
N VAL A 215 -5.33 12.66 -10.23
CA VAL A 215 -5.86 11.37 -9.77
C VAL A 215 -4.67 10.62 -9.22
N GLY A 216 -4.67 10.39 -7.94
CA GLY A 216 -3.53 9.80 -7.25
C GLY A 216 -3.72 8.49 -6.52
N GLY A 217 -2.65 8.16 -5.81
CA GLY A 217 -2.57 6.92 -5.07
C GLY A 217 -1.41 6.94 -4.10
N HIS A 218 -0.99 5.74 -3.66
CA HIS A 218 0.17 5.51 -2.78
C HIS A 218 -0.08 5.78 -1.29
N SER A 219 -0.82 6.82 -0.92
CA SER A 219 -1.10 7.12 0.47
C SER A 219 -2.42 6.48 0.96
N ASN A 220 -3.13 5.73 0.09
CA ASN A 220 -4.39 5.05 0.42
C ASN A 220 -5.39 6.05 1.02
N THR A 221 -5.42 7.26 0.46
CA THR A 221 -6.19 8.36 0.98
C THR A 221 -7.65 8.22 0.67
N PHE A 222 -8.46 8.31 1.70
CA PHE A 222 -9.89 8.26 1.58
C PHE A 222 -10.39 9.69 1.73
N LEU A 223 -11.09 10.17 0.69
CA LEU A 223 -11.71 11.48 0.66
C LEU A 223 -13.22 11.27 0.48
N TYR A 224 -14.02 12.11 1.14
CA TYR A 224 -15.47 12.00 1.07
C TYR A 224 -16.14 13.33 1.35
N THR A 225 -17.27 13.59 0.67
CA THR A 225 -18.11 14.75 0.92
C THR A 225 -19.41 14.20 1.53
N GLY A 226 -19.69 14.58 2.77
CA GLY A 226 -20.88 14.14 3.48
C GLY A 226 -20.61 13.02 4.45
N ASN A 227 -21.65 12.25 4.81
CA ASN A 227 -21.53 11.16 5.78
C ASN A 227 -20.99 9.91 5.09
N PRO A 228 -19.82 9.38 5.52
CA PRO A 228 -19.21 8.24 4.80
C PRO A 228 -19.95 6.90 4.98
N PRO A 229 -19.81 6.00 3.97
CA PRO A 229 -20.59 4.75 3.97
C PRO A 229 -20.03 3.56 4.76
N SER A 230 -18.74 3.56 5.12
CA SER A 230 -18.09 2.45 5.82
C SER A 230 -17.20 2.96 6.98
N LYS A 231 -16.19 2.16 7.42
CA LYS A 231 -15.30 2.48 8.54
C LYS A 231 -14.18 3.47 8.24
N GLU A 232 -13.86 3.72 6.97
CA GLU A 232 -12.78 4.66 6.60
C GLU A 232 -13.21 6.08 6.93
N VAL A 233 -12.33 6.82 7.61
CA VAL A 233 -12.58 8.19 8.02
C VAL A 233 -11.96 9.10 6.97
N PRO A 234 -12.74 10.07 6.45
CA PRO A 234 -12.19 10.94 5.40
C PRO A 234 -11.08 11.88 5.88
N ALA A 235 -10.03 12.02 5.06
CA ALA A 235 -8.91 12.93 5.33
C ALA A 235 -9.23 14.34 4.77
N GLY A 236 -10.29 14.43 3.97
CA GLY A 236 -10.75 15.68 3.40
C GLY A 236 -11.98 15.46 2.55
N LYS A 237 -12.46 16.53 1.90
CA LYS A 237 -13.62 16.42 1.02
C LYS A 237 -13.22 15.76 -0.30
N TYR A 238 -14.21 15.24 -1.02
CA TYR A 238 -14.01 14.65 -2.34
C TYR A 238 -14.77 15.52 -3.32
N PRO A 239 -14.11 16.13 -4.32
CA PRO A 239 -12.65 16.20 -4.50
C PRO A 239 -12.03 17.14 -3.49
N PHE A 240 -10.72 17.02 -3.32
CA PHE A 240 -9.97 17.95 -2.48
C PHE A 240 -9.58 19.09 -3.42
N ILE A 241 -10.00 20.32 -3.12
CA ILE A 241 -9.67 21.44 -4.01
C ILE A 241 -8.33 22.10 -3.65
N VAL A 242 -7.43 22.21 -4.64
CA VAL A 242 -6.15 22.93 -4.52
C VAL A 242 -6.30 24.20 -5.34
N THR A 243 -5.86 25.37 -4.82
CA THR A 243 -5.84 26.58 -5.62
C THR A 243 -4.44 26.63 -6.20
N SER A 244 -4.31 26.53 -7.51
CA SER A 244 -3.01 26.54 -8.14
C SER A 244 -2.35 27.92 -8.05
N ASP A 245 -1.03 27.96 -8.24
CA ASP A 245 -0.27 29.22 -8.21
C ASP A 245 -0.77 30.20 -9.28
N ASP A 246 -1.25 29.71 -10.44
CA ASP A 246 -1.83 30.59 -11.46
C ASP A 246 -3.36 30.85 -11.25
N GLY A 247 -3.86 30.55 -10.05
CA GLY A 247 -5.22 30.88 -9.62
C GLY A 247 -6.37 29.98 -10.02
N ARG A 248 -6.09 28.74 -10.46
CA ARG A 248 -7.15 27.80 -10.86
C ARG A 248 -7.51 26.88 -9.71
N LYS A 249 -8.79 26.49 -9.63
CA LYS A 249 -9.26 25.53 -8.64
C LYS A 249 -9.04 24.14 -9.29
N VAL A 250 -8.15 23.33 -8.70
CA VAL A 250 -7.78 22.02 -9.21
C VAL A 250 -8.28 20.90 -8.27
N PRO A 251 -9.21 20.05 -8.75
CA PRO A 251 -9.64 18.91 -7.93
C PRO A 251 -8.57 17.82 -7.85
N VAL A 252 -8.37 17.29 -6.64
CA VAL A 252 -7.41 16.23 -6.36
C VAL A 252 -8.24 15.09 -5.79
N VAL A 253 -8.09 13.88 -6.36
CA VAL A 253 -8.84 12.71 -5.95
C VAL A 253 -7.94 11.50 -5.70
N GLN A 254 -8.46 10.60 -4.86
CA GLN A 254 -7.85 9.31 -4.49
C GLN A 254 -9.01 8.44 -4.00
N ALA A 255 -8.87 7.12 -3.98
CA ALA A 255 -9.99 6.25 -3.64
C ALA A 255 -9.57 5.09 -2.75
N TYR A 256 -8.97 5.44 -1.59
CA TYR A 256 -8.54 4.51 -0.56
C TYR A 256 -7.59 3.41 -1.13
N ALA A 257 -7.96 2.11 -1.11
CA ALA A 257 -7.14 1.00 -1.56
C ALA A 257 -7.97 -0.28 -1.61
N PHE A 258 -7.38 -1.37 -2.12
CA PHE A 258 -7.92 -2.72 -2.08
C PHE A 258 -9.18 -2.96 -2.92
N GLY A 259 -9.52 -2.04 -3.83
CA GLY A 259 -10.71 -2.15 -4.65
C GLY A 259 -12.00 -2.08 -3.86
N LYS A 260 -11.97 -1.56 -2.61
CA LYS A 260 -13.19 -1.45 -1.79
C LYS A 260 -14.13 -0.37 -2.36
N TYR A 261 -13.54 0.67 -2.97
CA TYR A 261 -14.30 1.79 -3.54
C TYR A 261 -13.92 2.04 -4.97
N LEU A 262 -14.86 2.60 -5.74
CA LEU A 262 -14.61 3.09 -7.08
C LEU A 262 -14.68 4.60 -6.99
N GLY A 263 -13.58 5.29 -7.25
CA GLY A 263 -13.55 6.74 -7.31
C GLY A 263 -14.43 7.25 -8.45
N TYR A 264 -15.27 8.26 -8.19
CA TYR A 264 -16.22 8.79 -9.18
C TYR A 264 -16.23 10.31 -9.13
N LEU A 265 -15.71 10.97 -10.17
CA LEU A 265 -15.68 12.44 -10.29
C LEU A 265 -16.28 12.89 -11.61
N LYS A 266 -17.25 13.79 -11.56
CA LYS A 266 -17.87 14.37 -12.75
C LYS A 266 -17.29 15.77 -12.90
N ILE A 267 -16.69 16.09 -14.05
CA ILE A 267 -16.07 17.39 -14.32
C ILE A 267 -16.82 18.06 -15.45
N GLU A 268 -17.19 19.32 -15.24
CA GLU A 268 -17.86 20.15 -16.23
C GLU A 268 -16.77 21.07 -16.80
N PHE A 269 -16.48 20.89 -18.09
CA PHE A 269 -15.48 21.69 -18.80
C PHE A 269 -16.16 22.67 -19.74
N ASP A 270 -15.53 23.83 -19.96
CA ASP A 270 -16.00 24.77 -20.98
C ASP A 270 -15.32 24.37 -22.30
N GLU A 271 -15.55 25.13 -23.37
CA GLU A 271 -15.06 24.85 -24.73
C GLU A 271 -13.54 25.01 -24.83
N ARG A 272 -12.93 25.77 -23.89
CA ARG A 272 -11.47 25.95 -23.84
C ARG A 272 -10.79 24.99 -22.84
N GLY A 273 -11.53 24.07 -22.25
CA GLY A 273 -10.95 23.08 -21.34
C GLY A 273 -10.74 23.54 -19.92
N ASN A 274 -11.35 24.69 -19.54
CA ASN A 274 -11.33 25.13 -18.15
C ASN A 274 -12.34 24.30 -17.39
N VAL A 275 -12.00 23.94 -16.15
CA VAL A 275 -12.91 23.24 -15.24
C VAL A 275 -13.87 24.31 -14.66
N ILE A 276 -15.16 24.20 -14.98
CA ILE A 276 -16.17 25.11 -14.45
C ILE A 276 -16.54 24.63 -13.06
N SER A 277 -16.68 23.32 -12.90
CA SER A 277 -17.02 22.70 -11.63
C SER A 277 -16.76 21.21 -11.70
N SER A 278 -16.82 20.59 -10.53
CA SER A 278 -16.70 19.16 -10.42
C SER A 278 -17.31 18.67 -9.14
N HIS A 279 -17.78 17.44 -9.16
CA HIS A 279 -18.40 16.82 -7.99
C HIS A 279 -18.40 15.32 -8.13
N GLY A 280 -18.53 14.65 -7.00
CA GLY A 280 -18.62 13.21 -6.96
C GLY A 280 -18.33 12.67 -5.59
N ASN A 281 -17.95 11.40 -5.53
CA ASN A 281 -17.61 10.69 -4.30
C ASN A 281 -17.17 9.30 -4.65
N PRO A 282 -16.32 8.67 -3.79
CA PRO A 282 -16.00 7.26 -4.02
C PRO A 282 -17.26 6.41 -3.78
N ILE A 283 -17.49 5.42 -4.62
CA ILE A 283 -18.66 4.55 -4.51
C ILE A 283 -18.23 3.32 -3.73
N LEU A 284 -18.93 2.99 -2.63
CA LEU A 284 -18.63 1.79 -1.85
C LEU A 284 -19.11 0.60 -2.67
N LEU A 285 -18.20 -0.31 -3.00
CA LEU A 285 -18.52 -1.52 -3.74
C LEU A 285 -18.96 -2.61 -2.77
N ASP A 286 -20.15 -2.42 -2.16
CA ASP A 286 -20.71 -3.37 -1.20
C ASP A 286 -21.67 -4.32 -1.89
N SER A 287 -22.18 -5.30 -1.11
CA SER A 287 -23.10 -6.35 -1.55
C SER A 287 -24.35 -5.84 -2.30
N SER A 288 -24.71 -4.54 -2.16
CA SER A 288 -25.86 -4.00 -2.90
C SER A 288 -25.61 -4.09 -4.41
N ILE A 289 -24.35 -3.94 -4.86
CA ILE A 289 -23.99 -4.05 -6.27
C ILE A 289 -23.75 -5.52 -6.57
N PRO A 290 -24.47 -6.13 -7.54
CA PRO A 290 -24.20 -7.55 -7.83
C PRO A 290 -22.87 -7.74 -8.53
N GLU A 291 -22.22 -8.89 -8.31
CA GLU A 291 -20.98 -9.23 -9.01
C GLU A 291 -21.40 -9.63 -10.40
N ASP A 292 -20.73 -9.10 -11.42
CA ASP A 292 -21.04 -9.46 -12.80
C ASP A 292 -20.89 -10.98 -12.95
N PRO A 293 -21.89 -11.71 -13.48
CA PRO A 293 -21.75 -13.17 -13.60
C PRO A 293 -20.61 -13.66 -14.50
N SER A 294 -20.36 -12.97 -15.63
CA SER A 294 -19.33 -13.36 -16.58
C SER A 294 -17.93 -13.22 -16.00
N ILE A 295 -17.62 -12.04 -15.39
CA ILE A 295 -16.32 -11.80 -14.77
C ILE A 295 -16.14 -12.79 -13.62
N LYS A 296 -17.18 -12.97 -12.79
CA LYS A 296 -17.16 -13.90 -11.63
C LYS A 296 -16.83 -15.34 -12.03
N ALA A 297 -17.41 -15.81 -13.15
CA ALA A 297 -17.13 -17.16 -13.65
C ALA A 297 -15.67 -17.26 -14.10
N ASP A 298 -15.14 -16.18 -14.72
CA ASP A 298 -13.74 -16.14 -15.15
C ASP A 298 -12.81 -16.07 -13.92
N ILE A 299 -13.22 -15.35 -12.86
CA ILE A 299 -12.45 -15.33 -11.60
C ILE A 299 -12.43 -16.75 -11.00
N ASN A 300 -13.59 -17.43 -10.98
CA ASN A 300 -13.67 -18.79 -10.46
C ASN A 300 -12.77 -19.76 -11.25
N LYS A 301 -12.57 -19.54 -12.57
CA LYS A 301 -11.67 -20.37 -13.38
C LYS A 301 -10.21 -20.17 -12.93
N TRP A 302 -9.75 -18.91 -12.86
CA TRP A 302 -8.38 -18.59 -12.42
C TRP A 302 -8.14 -18.99 -10.94
N ARG A 303 -9.20 -19.03 -10.12
CA ARG A 303 -9.13 -19.39 -8.71
C ARG A 303 -8.75 -20.86 -8.45
N ILE A 304 -9.02 -21.77 -9.42
CA ILE A 304 -8.74 -23.20 -9.25
C ILE A 304 -7.23 -23.47 -8.92
N LYS A 305 -6.29 -22.75 -9.56
CA LYS A 305 -4.83 -22.93 -9.33
C LYS A 305 -4.41 -22.47 -7.93
N LEU A 306 -5.16 -21.53 -7.33
CA LEU A 306 -4.85 -20.96 -6.00
C LEU A 306 -5.33 -21.82 -4.83
N ASP A 307 -6.35 -22.69 -5.04
CA ASP A 307 -6.90 -23.51 -3.97
C ASP A 307 -5.89 -24.48 -3.31
N ASP A 308 -4.66 -24.64 -3.84
CA ASP A 308 -3.59 -25.43 -3.21
C ASP A 308 -3.08 -24.70 -1.94
N TYR A 309 -3.14 -23.35 -1.94
CA TYR A 309 -2.72 -22.51 -0.81
C TYR A 309 -3.85 -22.28 0.23
N SER A 310 -5.08 -22.74 -0.07
CA SER A 310 -6.28 -22.59 0.77
C SER A 310 -6.73 -23.91 1.43
N THR A 311 -6.12 -25.06 1.09
CA THR A 311 -6.53 -26.37 1.60
C THR A 311 -5.81 -26.78 2.89
N GLN A 312 -4.52 -26.45 3.03
CA GLN A 312 -3.75 -26.81 4.23
C GLN A 312 -4.02 -25.84 5.37
N GLU A 313 -4.64 -26.34 6.46
CA GLU A 313 -4.86 -25.56 7.67
C GLU A 313 -3.54 -25.59 8.42
N LEU A 314 -2.89 -24.43 8.56
CA LEU A 314 -1.63 -24.31 9.28
C LEU A 314 -1.90 -24.30 10.78
N GLY A 315 -3.00 -23.68 11.16
CA GLY A 315 -3.44 -23.62 12.55
C GLY A 315 -4.76 -22.91 12.69
N LYS A 316 -5.09 -22.57 13.94
CA LYS A 316 -6.34 -21.93 14.29
C LYS A 316 -6.10 -20.71 15.20
N THR A 317 -6.91 -19.66 15.04
CA THR A 317 -6.89 -18.48 15.89
C THR A 317 -8.26 -18.36 16.52
N ILE A 318 -8.32 -18.04 17.81
CA ILE A 318 -9.58 -17.87 18.52
C ILE A 318 -9.83 -16.36 18.78
N VAL A 319 -8.94 -15.52 18.22
CA VAL A 319 -9.02 -14.06 18.30
C VAL A 319 -8.86 -13.44 16.92
N TYR A 320 -9.40 -12.23 16.74
CA TYR A 320 -9.21 -11.48 15.52
C TYR A 320 -7.75 -11.09 15.46
N LEU A 321 -7.10 -11.39 14.34
CA LEU A 321 -5.70 -11.04 14.16
C LEU A 321 -5.63 -9.70 13.46
N ASP A 322 -5.54 -8.63 14.27
CA ASP A 322 -5.53 -7.26 13.79
C ASP A 322 -4.21 -6.82 13.13
N GLY A 323 -4.19 -6.97 11.82
CA GLY A 323 -3.14 -6.56 10.91
C GLY A 323 -3.57 -5.36 10.08
N SER A 324 -4.58 -4.58 10.59
CA SER A 324 -5.04 -3.39 9.88
C SER A 324 -4.01 -2.26 10.02
N SER A 325 -3.95 -1.39 9.01
CA SER A 325 -3.06 -0.22 9.02
C SER A 325 -3.47 0.76 10.13
N GLN A 326 -4.78 0.89 10.35
CA GLN A 326 -5.32 1.82 11.34
C GLN A 326 -4.89 1.42 12.75
N SER A 327 -4.60 0.12 12.99
CA SER A 327 -4.06 -0.31 14.27
C SER A 327 -2.54 -0.37 14.25
N CYS A 328 -1.95 -1.16 13.33
CA CYS A 328 -0.51 -1.45 13.32
C CYS A 328 0.40 -0.27 13.00
N ARG A 329 -0.09 0.80 12.38
CA ARG A 329 0.73 2.00 12.16
C ARG A 329 0.49 3.06 13.26
N PHE A 330 -0.39 2.78 14.25
CA PHE A 330 -0.74 3.78 15.27
C PHE A 330 -0.59 3.32 16.72
N ARG A 331 -0.63 2.03 17.00
CA ARG A 331 -0.54 1.51 18.35
C ARG A 331 -0.19 0.03 18.30
N GLU A 332 -0.02 -0.58 19.48
CA GLU A 332 0.26 -2.00 19.57
C GLU A 332 -0.88 -2.78 18.90
N CYS A 333 -0.54 -3.67 17.97
CA CYS A 333 -1.53 -4.49 17.28
C CYS A 333 -1.16 -5.96 17.51
N ASN A 334 -2.16 -6.82 17.80
CA ASN A 334 -1.88 -8.22 18.14
C ASN A 334 -1.26 -9.02 16.98
N MET A 335 -1.48 -8.64 15.71
CA MET A 335 -0.78 -9.31 14.61
C MET A 335 0.73 -9.03 14.73
N GLY A 336 1.11 -7.78 15.06
CA GLY A 336 2.49 -7.39 15.29
C GLY A 336 3.14 -8.20 16.40
N ASN A 337 2.40 -8.39 17.51
CA ASN A 337 2.87 -9.22 18.63
C ASN A 337 3.06 -10.66 18.23
N LEU A 338 2.14 -11.23 17.46
CA LEU A 338 2.22 -12.59 16.94
C LEU A 338 3.48 -12.75 16.10
N ILE A 339 3.70 -11.84 15.16
CA ILE A 339 4.84 -11.91 14.24
C ILE A 339 6.16 -11.74 15.01
N CYS A 340 6.24 -10.80 15.95
CA CYS A 340 7.47 -10.65 16.76
C CYS A 340 7.72 -11.88 17.64
N ASP A 341 6.65 -12.50 18.18
CA ASP A 341 6.80 -13.72 18.98
C ASP A 341 7.28 -14.88 18.13
N ALA A 342 6.82 -14.97 16.87
CA ALA A 342 7.29 -16.00 15.94
C ALA A 342 8.75 -15.72 15.56
N MET A 343 9.10 -14.44 15.38
CA MET A 343 10.47 -14.03 15.05
C MET A 343 11.43 -14.43 16.19
N ILE A 344 11.07 -14.09 17.45
CA ILE A 344 11.88 -14.44 18.62
C ILE A 344 11.97 -15.96 18.77
N ASN A 345 10.84 -16.67 18.65
CA ASN A 345 10.81 -18.12 18.78
C ASN A 345 11.70 -18.84 17.76
N ASN A 346 11.72 -18.36 16.52
CA ASN A 346 12.50 -18.95 15.44
C ASN A 346 13.98 -18.99 15.73
N ASN A 347 14.56 -17.86 16.21
CA ASN A 347 16.00 -17.85 16.53
C ASN A 347 16.29 -18.59 17.82
N LEU A 348 15.39 -18.53 18.84
CA LEU A 348 15.60 -19.26 20.10
C LEU A 348 15.29 -20.78 19.90
N ARG A 349 15.91 -21.41 18.91
CA ARG A 349 15.69 -22.81 18.50
C ARG A 349 16.88 -23.30 17.63
N HIS A 350 16.99 -22.81 16.37
CA HIS A 350 18.06 -23.24 15.45
C HIS A 350 19.35 -22.36 15.52
N ALA A 351 19.79 -22.02 16.75
CA ALA A 351 21.01 -21.23 16.98
C ALA A 351 22.28 -22.04 16.67
N ASP A 352 22.28 -23.35 17.02
CA ASP A 352 23.37 -24.28 16.76
C ASP A 352 22.83 -25.71 16.67
N ASN A 357 24.52 -17.33 19.80
CA ASN A 357 24.04 -15.97 19.82
C ASN A 357 22.49 -15.89 19.97
N HIS A 358 22.01 -15.87 21.25
CA HIS A 358 20.58 -15.76 21.57
C HIS A 358 20.12 -14.32 21.90
N VAL A 359 18.86 -14.08 21.52
CA VAL A 359 18.25 -12.76 21.41
C VAL A 359 16.82 -12.80 21.96
N SER A 360 16.42 -11.71 22.60
CA SER A 360 15.11 -11.61 23.25
C SER A 360 14.24 -10.47 22.71
N MET A 361 14.77 -9.61 21.81
CA MET A 361 14.08 -8.43 21.34
C MET A 361 13.74 -8.48 19.86
N CYS A 362 12.60 -7.90 19.51
CA CYS A 362 12.10 -7.84 18.14
C CYS A 362 11.57 -6.45 17.85
N ILE A 363 11.86 -5.93 16.65
CA ILE A 363 11.23 -4.69 16.14
C ILE A 363 10.68 -5.01 14.73
N LEU A 364 9.47 -4.51 14.43
CA LEU A 364 8.75 -4.80 13.18
C LEU A 364 8.02 -3.58 12.70
N ASN A 365 8.36 -3.09 11.51
CA ASN A 365 7.63 -1.94 10.95
C ASN A 365 6.18 -2.34 10.72
N GLY A 366 5.26 -1.58 11.32
CA GLY A 366 3.82 -1.78 11.19
C GLY A 366 3.32 -1.82 9.76
N GLY A 367 3.97 -1.06 8.88
CA GLY A 367 3.62 -1.05 7.46
C GLY A 367 3.94 -2.33 6.71
N GLY A 368 4.78 -3.19 7.31
CA GLY A 368 5.13 -4.51 6.78
C GLY A 368 4.06 -5.57 7.02
N ILE A 369 3.03 -5.25 7.86
CA ILE A 369 1.88 -6.11 8.18
C ILE A 369 0.80 -5.61 7.23
N ARG A 370 0.42 -6.42 6.24
CA ARG A 370 -0.40 -5.89 5.16
C ARG A 370 -1.81 -6.43 5.04
N SER A 371 -2.27 -7.15 6.07
CA SER A 371 -3.66 -7.59 6.15
C SER A 371 -3.99 -8.18 7.50
N PRO A 372 -5.24 -8.01 7.99
CA PRO A 372 -5.67 -8.79 9.15
C PRO A 372 -6.05 -10.23 8.73
N ILE A 373 -6.39 -11.07 9.73
CA ILE A 373 -6.93 -12.44 9.55
C ILE A 373 -8.11 -12.56 10.51
N ASP A 374 -9.27 -13.00 9.99
CA ASP A 374 -10.51 -13.15 10.75
C ASP A 374 -10.55 -14.49 11.47
N GLU A 375 -11.13 -14.50 12.68
CA GLU A 375 -11.28 -15.69 13.52
C GLU A 375 -12.64 -16.40 13.35
N ARG A 376 -13.58 -15.83 12.57
CA ARG A 376 -14.92 -16.41 12.46
C ARG A 376 -15.06 -17.67 11.52
N ASN A 377 -14.10 -17.94 10.62
CA ASN A 377 -14.18 -19.12 9.71
C ASN A 377 -13.74 -20.40 10.44
N ASP A 378 -14.33 -20.70 11.62
CA ASP A 378 -13.87 -21.78 12.49
C ASP A 378 -12.38 -21.50 12.86
N GLY A 379 -12.01 -20.21 12.88
CA GLY A 379 -10.66 -19.73 13.16
C GLY A 379 -9.51 -20.23 12.30
N THR A 380 -9.79 -20.85 11.15
CA THR A 380 -8.75 -21.45 10.30
C THR A 380 -7.76 -20.44 9.71
N ILE A 381 -6.46 -20.82 9.73
CA ILE A 381 -5.35 -20.04 9.17
C ILE A 381 -4.70 -20.90 8.09
N THR A 382 -4.67 -20.38 6.86
CA THR A 382 -4.09 -21.04 5.70
C THR A 382 -2.90 -20.22 5.21
N TRP A 383 -2.13 -20.80 4.28
CA TRP A 383 -1.00 -20.12 3.65
C TRP A 383 -1.50 -18.86 2.95
N GLU A 384 -2.68 -18.95 2.28
CA GLU A 384 -3.33 -17.84 1.61
C GLU A 384 -3.59 -16.67 2.57
N ASN A 385 -4.14 -16.96 3.77
CA ASN A 385 -4.39 -15.93 4.78
C ASN A 385 -3.07 -15.25 5.20
N LEU A 386 -2.00 -16.04 5.42
CA LEU A 386 -0.67 -15.50 5.77
C LEU A 386 0.00 -14.75 4.63
N ALA A 387 -0.25 -15.17 3.36
CA ALA A 387 0.31 -14.54 2.15
C ALA A 387 -0.13 -13.09 2.01
N ALA A 388 -1.33 -12.72 2.51
CA ALA A 388 -1.83 -11.36 2.45
C ALA A 388 -1.23 -10.53 3.59
N VAL A 389 -0.90 -11.16 4.71
CA VAL A 389 -0.28 -10.45 5.82
C VAL A 389 1.17 -10.10 5.46
N LEU A 390 1.89 -11.06 4.84
CA LEU A 390 3.31 -10.94 4.51
C LEU A 390 3.50 -11.29 3.04
N PRO A 391 3.15 -10.34 2.14
CA PRO A 391 3.22 -10.62 0.69
C PRO A 391 4.56 -10.33 0.00
N PHE A 392 5.60 -9.86 0.71
CA PHE A 392 6.83 -9.39 0.07
C PHE A 392 7.99 -10.36 -0.08
N GLY A 393 7.96 -11.51 0.58
CA GLY A 393 9.07 -12.45 0.50
C GLY A 393 10.35 -11.93 1.13
N GLY A 394 10.22 -11.15 2.20
CA GLY A 394 11.36 -10.62 2.94
C GLY A 394 11.88 -11.65 3.93
N THR A 395 12.91 -11.30 4.72
CA THR A 395 13.49 -12.20 5.75
C THR A 395 13.55 -11.51 7.11
N PHE A 396 13.61 -12.30 8.20
CA PHE A 396 13.73 -11.77 9.55
C PHE A 396 15.17 -11.99 10.00
N ASP A 397 15.97 -10.91 9.92
CA ASP A 397 17.41 -10.91 10.19
C ASP A 397 17.78 -10.64 11.64
N LEU A 398 18.96 -11.11 12.03
CA LEU A 398 19.51 -10.89 13.37
C LEU A 398 20.48 -9.71 13.26
N VAL A 399 20.35 -8.68 14.13
CA VAL A 399 21.30 -7.57 14.20
C VAL A 399 21.75 -7.32 15.61
N GLN A 400 22.94 -6.74 15.75
CA GLN A 400 23.50 -6.35 17.03
C GLN A 400 23.51 -4.83 17.04
N LEU A 401 22.75 -4.21 17.95
CA LEU A 401 22.62 -2.76 18.04
C LEU A 401 23.01 -2.23 19.38
N LYS A 402 23.49 -0.97 19.40
CA LYS A 402 23.83 -0.26 20.62
C LYS A 402 22.52 0.29 21.15
N GLY A 403 22.43 0.57 22.45
CA GLY A 403 21.20 1.11 23.01
C GLY A 403 20.84 2.46 22.42
N SER A 404 21.86 3.28 22.15
CA SER A 404 21.72 4.60 21.54
C SER A 404 21.04 4.50 20.18
N THR A 405 21.43 3.48 19.39
CA THR A 405 20.87 3.22 18.06
C THR A 405 19.41 2.83 18.21
N LEU A 406 19.09 1.94 19.18
CA LEU A 406 17.71 1.50 19.43
CA LEU A 406 17.71 1.51 19.39
C LEU A 406 16.84 2.69 19.85
N LYS A 407 17.35 3.55 20.74
CA LYS A 407 16.62 4.73 21.21
C LYS A 407 16.25 5.65 20.01
N LYS A 408 17.22 5.87 19.09
CA LYS A 408 17.00 6.67 17.88
C LYS A 408 15.93 6.03 16.99
N ALA A 409 15.98 4.69 16.84
CA ALA A 409 14.98 3.97 16.07
C ALA A 409 13.58 4.22 16.65
N PHE A 410 13.41 4.06 17.98
CA PHE A 410 12.11 4.29 18.62
C PHE A 410 11.66 5.76 18.54
N GLU A 411 12.61 6.71 18.48
CA GLU A 411 12.27 8.11 18.27
C GLU A 411 11.78 8.29 16.85
N HIS A 412 12.46 7.63 15.89
CA HIS A 412 12.05 7.64 14.49
C HIS A 412 10.64 7.01 14.29
N SER A 413 10.30 5.96 15.05
CA SER A 413 9.00 5.30 15.04
C SER A 413 7.81 6.28 15.18
N VAL A 414 7.96 7.34 16.00
CA VAL A 414 6.91 8.34 16.26
C VAL A 414 7.31 9.79 15.89
N HIS A 415 8.39 9.99 15.11
CA HIS A 415 8.88 11.35 14.75
C HIS A 415 7.84 12.19 13.98
N ARG A 416 7.01 11.52 13.13
CA ARG A 416 5.95 12.16 12.36
C ARG A 416 4.63 11.37 12.58
N TYR A 417 4.35 11.02 13.85
CA TYR A 417 3.16 10.24 14.22
C TYR A 417 1.84 10.88 13.73
N GLY A 418 0.88 10.03 13.34
CA GLY A 418 -0.44 10.45 12.91
C GLY A 418 -0.70 10.46 11.41
N GLN A 419 0.34 10.18 10.60
CA GLN A 419 0.24 10.21 9.13
C GLN A 419 0.03 8.83 8.47
N SER A 420 -0.19 7.75 9.23
CA SER A 420 -0.38 6.38 8.71
C SER A 420 0.83 5.92 7.88
N THR A 421 2.02 6.29 8.36
CA THR A 421 3.28 5.95 7.73
C THR A 421 3.72 4.64 8.38
N GLY A 422 4.38 3.79 7.61
CA GLY A 422 4.72 2.45 8.03
C GLY A 422 5.84 2.23 9.01
N GLU A 423 6.62 3.27 9.38
CA GLU A 423 7.76 3.15 10.31
C GLU A 423 7.38 2.83 11.76
N PHE A 424 6.12 3.09 12.18
CA PHE A 424 5.71 2.79 13.55
C PHE A 424 6.05 1.35 13.89
N LEU A 425 6.79 1.13 14.96
CA LEU A 425 7.29 -0.20 15.31
C LEU A 425 6.40 -1.00 16.22
N GLN A 426 6.20 -2.26 15.83
CA GLN A 426 5.60 -3.30 16.63
C GLN A 426 6.80 -3.99 17.28
N VAL A 427 6.60 -4.62 18.43
CA VAL A 427 7.71 -5.17 19.20
C VAL A 427 7.48 -6.50 19.91
N GLY A 428 8.60 -7.08 20.33
CA GLY A 428 8.70 -8.24 21.22
C GLY A 428 9.88 -8.05 22.15
N GLY A 429 9.73 -8.43 23.41
CA GLY A 429 10.77 -8.27 24.43
C GLY A 429 11.14 -6.83 24.74
N ILE A 430 10.21 -5.90 24.46
CA ILE A 430 10.41 -4.46 24.66
C ILE A 430 9.13 -3.87 25.21
N HIS A 431 9.26 -2.92 26.15
CA HIS A 431 8.15 -2.16 26.72
C HIS A 431 8.52 -0.70 26.50
N VAL A 432 7.83 -0.03 25.56
CA VAL A 432 8.10 1.36 25.21
C VAL A 432 6.91 2.23 25.58
N VAL A 433 7.19 3.46 26.08
CA VAL A 433 6.17 4.43 26.44
C VAL A 433 6.54 5.73 25.74
N TYR A 434 5.59 6.27 24.96
CA TYR A 434 5.76 7.51 24.21
C TYR A 434 4.92 8.63 24.83
N ASP A 435 5.38 9.86 24.69
CA ASP A 435 4.65 11.06 25.11
C ASP A 435 4.62 11.94 23.86
N LEU A 436 3.48 11.92 23.14
CA LEU A 436 3.34 12.67 21.89
C LEU A 436 3.24 14.20 22.10
N SER A 437 3.07 14.67 23.36
CA SER A 437 3.10 16.08 23.69
C SER A 437 4.53 16.65 23.51
N ARG A 438 5.55 15.76 23.61
CA ARG A 438 6.95 16.14 23.46
C ARG A 438 7.32 16.34 22.00
N LYS A 439 8.49 16.94 21.77
CA LYS A 439 8.97 17.29 20.44
C LYS A 439 9.53 16.08 19.67
N PRO A 440 9.40 16.03 18.32
CA PRO A 440 10.01 14.92 17.55
C PRO A 440 11.48 14.71 17.93
N GLY A 441 11.86 13.45 18.16
CA GLY A 441 13.21 13.10 18.60
C GLY A 441 13.39 13.03 20.11
N ASP A 442 12.34 13.40 20.89
CA ASP A 442 12.36 13.36 22.36
C ASP A 442 11.02 12.86 22.94
N ARG A 443 10.32 11.97 22.20
CA ARG A 443 9.01 11.42 22.60
C ARG A 443 9.06 10.11 23.38
N VAL A 444 10.20 9.39 23.36
CA VAL A 444 10.34 8.14 24.12
C VAL A 444 10.58 8.53 25.59
N VAL A 445 9.57 8.28 26.46
CA VAL A 445 9.70 8.60 27.89
C VAL A 445 10.11 7.38 28.72
N LYS A 446 9.98 6.16 28.16
CA LYS A 446 10.38 4.92 28.84
C LYS A 446 10.69 3.84 27.79
N LEU A 447 11.81 3.15 27.93
CA LEU A 447 12.22 2.08 27.02
C LEU A 447 12.92 0.97 27.80
N ASP A 448 12.14 -0.02 28.22
CA ASP A 448 12.65 -1.16 28.97
C ASP A 448 12.79 -2.32 28.04
N VAL A 449 13.80 -3.14 28.28
CA VAL A 449 14.11 -4.30 27.45
C VAL A 449 14.42 -5.51 28.29
N LEU A 450 14.19 -6.68 27.70
CA LEU A 450 14.35 -7.98 28.33
C LEU A 450 15.84 -8.27 28.45
N CYS A 451 16.37 -8.30 29.68
CA CYS A 451 17.80 -8.55 29.87
C CYS A 451 18.22 -9.88 29.24
N THR A 452 19.44 -9.91 28.71
CA THR A 452 20.03 -11.10 28.10
C THR A 452 21.12 -11.61 29.03
N LYS A 453 21.94 -10.69 29.59
CA LYS A 453 23.03 -11.04 30.51
C LYS A 453 22.47 -11.14 31.95
N CYS A 454 21.53 -12.09 32.14
CA CYS A 454 20.82 -12.34 33.40
C CYS A 454 20.28 -13.76 33.37
N ARG A 455 20.16 -14.39 34.53
CA ARG A 455 19.69 -15.77 34.59
C ARG A 455 18.17 -15.85 34.51
N VAL A 456 17.46 -14.85 35.05
CA VAL A 456 16.01 -14.77 34.97
C VAL A 456 15.71 -13.55 34.14
N PRO A 457 15.14 -13.68 32.92
CA PRO A 457 14.84 -12.48 32.12
C PRO A 457 13.81 -11.56 32.79
N SER A 458 14.09 -10.26 32.77
CA SER A 458 13.20 -9.24 33.30
C SER A 458 13.47 -7.94 32.57
N TYR A 459 12.52 -7.02 32.69
CA TYR A 459 12.61 -5.73 32.04
C TYR A 459 13.37 -4.74 32.87
N ASP A 460 14.34 -4.08 32.22
CA ASP A 460 15.20 -3.09 32.85
C ASP A 460 15.37 -1.94 31.86
N PRO A 461 15.64 -0.70 32.31
CA PRO A 461 15.81 0.38 31.36
C PRO A 461 16.89 0.09 30.33
N LEU A 462 16.65 0.49 29.08
CA LEU A 462 17.65 0.33 28.04
C LEU A 462 18.80 1.24 28.44
N LYS A 463 20.03 0.80 28.17
CA LYS A 463 21.22 1.57 28.47
C LYS A 463 21.86 1.96 27.13
N MET A 464 22.13 3.25 26.94
CA MET A 464 22.63 3.84 25.70
C MET A 464 23.98 3.27 25.23
N ASP A 465 24.86 2.91 26.18
CA ASP A 465 26.21 2.37 25.92
C ASP A 465 26.29 0.83 25.88
N GLU A 466 25.17 0.12 26.11
CA GLU A 466 25.14 -1.35 26.07
C GLU A 466 24.79 -1.83 24.67
N VAL A 467 24.86 -3.16 24.44
CA VAL A 467 24.63 -3.77 23.15
C VAL A 467 23.58 -4.85 23.26
N TYR A 468 22.61 -4.81 22.33
CA TYR A 468 21.47 -5.70 22.30
C TYR A 468 21.39 -6.41 20.98
N LYS A 469 20.86 -7.64 20.98
CA LYS A 469 20.62 -8.40 19.76
C LYS A 469 19.12 -8.30 19.44
N VAL A 470 18.79 -7.80 18.24
CA VAL A 470 17.42 -7.56 17.81
C VAL A 470 17.12 -8.32 16.53
N ILE A 471 15.95 -8.98 16.48
CA ILE A 471 15.46 -9.65 15.27
C ILE A 471 14.50 -8.67 14.64
N LEU A 472 14.66 -8.44 13.34
CA LEU A 472 13.87 -7.48 12.59
C LEU A 472 13.84 -7.81 11.10
N PRO A 473 12.89 -7.24 10.34
CA PRO A 473 12.88 -7.46 8.88
C PRO A 473 14.14 -6.94 8.19
N ASN A 474 14.53 -7.58 7.08
CA ASN A 474 15.68 -7.12 6.29
C ASN A 474 15.44 -5.68 5.78
N PHE A 475 14.16 -5.31 5.54
CA PHE A 475 13.75 -3.97 5.13
C PHE A 475 14.31 -2.91 6.10
N LEU A 476 14.23 -3.17 7.43
CA LEU A 476 14.76 -2.25 8.44
C LEU A 476 16.26 -2.35 8.59
N ALA A 477 16.83 -3.56 8.56
CA ALA A 477 18.29 -3.73 8.62
C ALA A 477 18.99 -3.02 7.45
N ASN A 478 18.34 -2.94 6.27
CA ASN A 478 18.88 -2.25 5.10
C ASN A 478 18.57 -0.72 5.09
N GLY A 479 18.03 -0.18 6.19
CA GLY A 479 17.73 1.24 6.30
C GLY A 479 16.40 1.72 5.76
N GLY A 480 15.50 0.80 5.43
CA GLY A 480 14.17 1.15 4.92
C GLY A 480 13.34 1.87 5.96
N ASP A 481 12.29 2.57 5.52
CA ASP A 481 11.38 3.38 6.34
C ASP A 481 12.08 4.52 7.10
N GLY A 482 13.19 5.02 6.56
CA GLY A 482 13.97 6.09 7.18
C GLY A 482 14.79 5.66 8.38
N PHE A 483 15.02 4.33 8.56
CA PHE A 483 15.80 3.80 9.68
C PHE A 483 17.28 3.73 9.28
N GLN A 484 17.81 4.86 8.79
CA GLN A 484 19.19 4.98 8.35
C GLN A 484 20.15 4.68 9.51
N MET A 485 19.77 5.05 10.75
CA MET A 485 20.61 4.78 11.94
C MET A 485 20.87 3.28 12.16
N ILE A 486 19.91 2.39 11.82
CA ILE A 486 20.13 0.95 11.97
C ILE A 486 21.24 0.51 11.00
N LYS A 487 21.06 0.78 9.70
CA LYS A 487 22.05 0.41 8.66
C LYS A 487 23.45 1.00 8.93
N ASP A 488 23.51 2.29 9.30
CA ASP A 488 24.77 2.99 9.53
C ASP A 488 25.46 2.61 10.84
N GLU A 489 24.70 2.55 11.95
CA GLU A 489 25.27 2.28 13.28
C GLU A 489 25.29 0.81 13.72
N LEU A 490 24.71 -0.16 12.96
CA LEU A 490 24.72 -1.56 13.43
C LEU A 490 26.13 -2.14 13.56
N LEU A 491 26.31 -3.07 14.50
CA LEU A 491 27.60 -3.72 14.77
C LEU A 491 27.71 -5.09 14.11
N ARG A 492 26.57 -5.72 13.77
CA ARG A 492 26.55 -7.02 13.10
C ARG A 492 25.19 -7.19 12.40
N HIS A 493 25.17 -7.91 11.27
CA HIS A 493 23.96 -8.19 10.51
C HIS A 493 24.02 -9.59 9.91
N ASP A 494 23.21 -10.54 10.43
CA ASP A 494 23.14 -11.91 9.90
C ASP A 494 21.81 -12.05 9.17
N SER A 495 21.84 -12.60 7.94
CA SER A 495 20.61 -12.83 7.17
C SER A 495 19.80 -13.93 7.84
N GLY A 496 18.47 -13.82 7.80
CA GLY A 496 17.57 -14.78 8.42
C GLY A 496 16.67 -15.53 7.47
N ASP A 497 15.69 -16.23 8.05
CA ASP A 497 14.72 -17.04 7.31
C ASP A 497 13.62 -16.19 6.70
N GLN A 498 12.93 -16.75 5.68
CA GLN A 498 11.83 -16.09 4.97
C GLN A 498 10.69 -15.76 5.94
N ASP A 499 10.23 -14.48 5.93
CA ASP A 499 9.19 -13.97 6.82
C ASP A 499 7.96 -14.86 6.97
N ILE A 500 7.32 -15.24 5.85
CA ILE A 500 6.10 -16.05 5.87
C ILE A 500 6.34 -17.45 6.46
N ASN A 501 7.47 -18.11 6.14
CA ASN A 501 7.79 -19.43 6.67
C ASN A 501 7.99 -19.42 8.19
N VAL A 502 8.56 -18.33 8.74
CA VAL A 502 8.78 -18.18 10.20
C VAL A 502 7.44 -18.14 10.94
N VAL A 503 6.47 -17.38 10.42
CA VAL A 503 5.15 -17.23 11.03
C VAL A 503 4.34 -18.53 10.84
N SER A 504 4.40 -19.12 9.64
CA SER A 504 3.73 -20.38 9.29
C SER A 504 4.17 -21.50 10.27
N THR A 505 5.50 -21.66 10.44
CA THR A 505 6.10 -22.66 11.34
C THR A 505 5.63 -22.46 12.78
N TYR A 506 5.62 -21.20 13.25
CA TYR A 506 5.19 -20.86 14.60
C TYR A 506 3.70 -21.17 14.82
N ILE A 507 2.84 -20.87 13.84
CA ILE A 507 1.41 -21.17 13.99
C ILE A 507 1.18 -22.69 14.03
N SER A 508 1.90 -23.47 13.19
CA SER A 508 1.75 -24.93 13.18
C SER A 508 2.17 -25.55 14.51
N LYS A 509 3.23 -24.99 15.10
CA LYS A 509 3.76 -25.41 16.41
C LYS A 509 2.74 -25.11 17.51
N MET A 510 2.19 -23.88 17.55
CA MET A 510 1.21 -23.50 18.57
C MET A 510 -0.17 -24.15 18.38
N LYS A 511 -0.56 -24.44 17.12
CA LYS A 511 -1.87 -25.03 16.76
C LYS A 511 -3.03 -24.06 16.97
N VAL A 512 -3.26 -23.59 18.21
CA VAL A 512 -4.28 -22.60 18.54
C VAL A 512 -3.54 -21.37 19.05
N ILE A 513 -3.77 -20.18 18.43
CA ILE A 513 -3.13 -18.93 18.83
C ILE A 513 -4.18 -17.91 19.33
N TYR A 514 -3.74 -17.02 20.21
CA TYR A 514 -4.61 -16.02 20.85
C TYR A 514 -3.77 -14.81 21.28
N PRO A 515 -3.06 -14.18 20.32
CA PRO A 515 -2.22 -13.02 20.69
C PRO A 515 -3.06 -11.84 21.18
N ALA A 516 -2.59 -11.16 22.22
CA ALA A 516 -3.30 -10.04 22.80
C ALA A 516 -2.51 -8.76 22.66
N VAL A 517 -3.20 -7.64 22.91
CA VAL A 517 -2.60 -6.33 23.06
C VAL A 517 -2.32 -6.31 24.57
N GLU A 518 -1.05 -6.28 24.97
CA GLU A 518 -0.71 -6.48 26.38
C GLU A 518 0.16 -5.40 27.03
N GLY A 519 0.28 -4.23 26.42
CA GLY A 519 1.01 -3.11 27.00
C GLY A 519 2.46 -2.98 26.61
N ARG A 520 2.86 -3.63 25.51
CA ARG A 520 4.23 -3.54 25.00
C ARG A 520 4.52 -2.12 24.52
N ILE A 521 3.48 -1.41 24.02
CA ILE A 521 3.60 -0.04 23.55
C ILE A 521 2.47 0.73 24.22
N LYS A 522 2.84 1.79 24.94
CA LYS A 522 1.88 2.66 25.60
C LYS A 522 2.14 4.14 25.30
N PHE A 523 1.10 4.95 25.50
CA PHE A 523 1.12 6.39 25.29
C PHE A 523 0.76 7.07 26.61
N SER A 524 1.59 8.01 27.08
CA SER A 524 1.33 8.71 28.35
C SER A 524 0.31 9.83 28.18
N LEU A 525 -0.24 10.33 29.33
CA LEU A 525 -1.19 11.43 29.42
C LEU A 525 -0.44 12.68 29.94
N GLU A 526 -0.22 13.71 29.10
CA GLU A 526 0.48 14.95 29.52
C GLU A 526 -0.03 16.17 28.75
ZN ZN B . -0.11 0.68 -2.37
ZN ZN C . 2.77 2.82 -3.62
C8 NYZ D . 7.24 -1.69 1.72
C5 NYZ D . 8.43 -3.43 2.11
C6 NYZ D . 9.27 -4.57 2.09
PB NYZ D . 2.72 1.45 -0.81
O1B NYZ D . 4.14 1.05 -1.02
O2B NYZ D . 1.80 0.24 -0.57
O3B NYZ D . 2.13 2.24 -1.99
PA NYZ D . 1.67 2.01 1.97
O1A NYZ D . 0.31 1.34 1.87
O2A NYZ D . 1.54 3.27 2.88
C3A NYZ D . 2.51 2.62 0.53
O5' NYZ D . 2.75 1.04 2.57
C5' NYZ D . 4.13 1.42 2.73
C4' NYZ D . 4.83 0.61 3.80
O4' NYZ D . 5.06 -0.73 3.33
C3' NYZ D . 6.22 1.12 4.15
O3' NYZ D . 6.14 2.21 5.07
C2' NYZ D . 6.88 -0.14 4.74
O2' NYZ D . 6.67 -0.27 6.14
C1' NYZ D . 6.18 -1.28 4.00
N9 NYZ D . 7.03 -1.99 3.02
N7 NYZ D . 8.08 -2.51 1.13
N6 NYZ D . 9.93 -4.96 0.99
N1 NYZ D . 9.45 -5.30 3.21
C2 NYZ D . 8.81 -4.98 4.36
N3 NYZ D . 7.97 -3.90 4.39
C4 NYZ D . 7.78 -3.11 3.29
O NYZ D . 8.94 -5.64 5.40
H8 NYZ D . 6.74 -0.87 1.19
H3A2 NYZ D . 3.50 3.03 0.76
H3A1 NYZ D . 2.02 3.53 0.18
H5'1 NYZ D . 4.59 1.21 1.76
H5'2 NYZ D . 4.23 2.48 2.93
H4' NYZ D . 4.20 0.48 4.68
H3' NYZ D . 6.74 1.46 3.27
HO3' NYZ D . 5.85 3.01 4.55
H2' NYZ D . 7.94 -0.11 4.51
HO2' NYZ D . 6.77 0.62 6.55
H1' NYZ D . 5.81 -2.04 4.69
H61 NYZ D . 10.53 -5.78 1.00
H62 NYZ D . 9.86 -4.43 0.14
H3 NYZ D . 7.43 -3.69 5.23
#